data_2H9E
#
_entry.id   2H9E
#
_cell.length_a   48.945
_cell.length_b   86.410
_cell.length_c   145.892
_cell.angle_alpha   90.00
_cell.angle_beta   90.00
_cell.angle_gamma   90.00
#
_symmetry.space_group_name_H-M   'P 21 21 21'
#
loop_
_entity.id
_entity.type
_entity.pdbx_description
1 polymer 'Coagulation factor X heavy chain'
2 polymer 'Coagulation factor X light chain'
3 polymer 'Anti-coagulant protein C2'
4 polymer 'selectide inhibitor DTY-ILE-ARG-LEU-LPD peptide'
5 non-polymer 'PHOSPHATE ION'
6 non-polymer 'ACETATE ION'
7 non-polymer 'SODIUM ION'
8 water water
#
loop_
_entity_poly.entity_id
_entity_poly.type
_entity_poly.pdbx_seq_one_letter_code
_entity_poly.pdbx_strand_id
1 'polypeptide(L)'
;IVGGQECKDGECPWQALLINEENEGFCGGTILSEFYILTAAHCLYQAKRFKVRVGDRNTEQEEGGEAVHEVEVVIKHNRF
TKETYDFDIAVLRLKTPITFRMNVAPACLPERDWAESTLMTQKTGIVSGFGRTHEKGRQSTRLKMLEVPYVDRNSCKLSS
SFIITQNMFCAGYDTKQEDACQGDSGGPHVTRFKDTYFVTGIVSWGEGCARKGKYGIYTKVTAFLKWIDRSMK
;
H
2 'polypeptide(L)'
;DGDQCETSPCQNQGKCKDGLGEYTCTCLEGFEGKNCELFTRKLCSLDNGDCDQFCHEEQNSVVCSCARGYTLADNGKACI
PTGPYPCGKQTLERRKRSVAQATSSSGEAPDSITWKPYDAADLDPTENPFDLLDFNQTQPERGDNNLTR
;
L
3 'polypeptide(L)'
;KATMQCGENEKYDSCGSKECDKKCKYDGVEEEDDEEPNVPCLVRVCHQDCVCEEGFYRNKDDKCVSAEDCELDNMDFIYP
GTRN
;
C
4 'polypeptide(L)' (DTY)IRL(LPD) S
#
loop_
_chem_comp.id
_chem_comp.type
_chem_comp.name
_chem_comp.formula
ACT non-polymer 'ACETATE ION' 'C2 H3 O2 -1'
NA non-polymer 'SODIUM ION' 'Na 1'
PO4 non-polymer 'PHOSPHATE ION' 'O4 P -3'
#
# COMPACT_ATOMS: atom_id res chain seq x y z
N ILE A 1 -1.58 17.05 -0.19
CA ILE A 1 -2.51 16.98 -1.31
C ILE A 1 -2.78 18.39 -1.86
N VAL A 2 -2.43 18.59 -3.12
CA VAL A 2 -2.71 19.86 -3.79
C VAL A 2 -4.01 19.70 -4.57
N GLY A 3 -4.98 20.57 -4.35
CA GLY A 3 -6.30 20.31 -4.98
C GLY A 3 -7.10 19.25 -4.20
N GLY A 4 -8.05 18.60 -4.86
CA GLY A 4 -8.87 17.65 -4.18
C GLY A 4 -9.60 18.32 -3.04
N GLN A 5 -10.05 17.50 -2.10
CA GLN A 5 -11.01 17.94 -1.07
C GLN A 5 -10.75 17.23 0.26
N GLU A 6 -11.32 17.78 1.33
CA GLU A 6 -11.19 17.15 2.66
C GLU A 6 -12.04 15.89 2.64
N CYS A 7 -11.53 14.83 3.25
CA CYS A 7 -12.32 13.64 3.47
C CYS A 7 -13.47 13.87 4.47
N LYS A 8 -14.67 13.58 4.08
CA LYS A 8 -15.76 13.47 5.09
C LYS A 8 -15.55 12.38 6.12
N ASP A 9 -16.38 12.44 7.15
CA ASP A 9 -16.28 11.51 8.28
C ASP A 9 -16.54 10.12 7.76
N GLY A 10 -15.65 9.19 8.07
CA GLY A 10 -15.70 7.79 7.62
C GLY A 10 -15.34 7.49 6.17
N GLU A 11 -14.85 8.51 5.45
CA GLU A 11 -14.58 8.43 3.97
C GLU A 11 -13.19 7.84 3.55
N CYS A 12 -12.23 8.06 4.43
CA CYS A 12 -10.83 7.63 4.24
C CYS A 12 -10.30 6.95 5.53
N PRO A 13 -10.99 5.86 6.00
CA PRO A 13 -10.73 5.41 7.39
C PRO A 13 -9.48 4.63 7.51
N TRP A 14 -8.89 4.20 6.37
CA TRP A 14 -7.59 3.44 6.32
C TRP A 14 -6.32 4.37 6.34
N GLN A 15 -6.52 5.67 6.35
CA GLN A 15 -5.39 6.62 6.46
C GLN A 15 -4.72 6.52 7.85
N ALA A 16 -3.40 6.35 7.90
CA ALA A 16 -2.62 6.55 9.14
C ALA A 16 -1.71 7.79 8.93
N LEU A 17 -1.28 8.42 10.03
CA LEU A 17 -0.39 9.57 10.02
C LEU A 17 0.82 9.19 10.87
N LEU A 18 2.01 9.27 10.32
CA LEU A 18 3.23 9.01 11.09
C LEU A 18 3.74 10.34 11.59
N ILE A 19 3.99 10.39 12.90
CA ILE A 19 4.31 11.62 13.63
C ILE A 19 5.74 11.48 14.19
N ASN A 20 6.53 12.56 14.08
CA ASN A 20 7.93 12.62 14.60
C ASN A 20 8.02 12.99 16.09
N GLU A 21 9.25 13.02 16.63
CA GLU A 21 9.53 13.44 18.04
C GLU A 21 8.97 14.81 18.45
N GLU A 22 8.75 15.70 17.48
CA GLU A 22 8.07 16.97 17.76
C GLU A 22 6.57 16.83 17.69
N ASN A 23 6.12 15.59 17.75
CA ASN A 23 4.74 15.18 17.38
C ASN A 23 4.13 15.86 16.14
N GLU A 24 4.95 16.04 15.12
CA GLU A 24 4.47 16.57 13.85
C GLU A 24 4.39 15.44 12.80
N GLY A 25 3.40 15.54 11.93
CA GLY A 25 3.27 14.52 10.91
C GLY A 25 4.24 14.82 9.79
N PHE A 26 4.97 13.81 9.40
CA PHE A 26 5.85 13.87 8.26
C PHE A 26 5.51 12.90 7.09
N CYS A 27 4.54 11.98 7.30
CA CYS A 27 4.33 10.88 6.34
C CYS A 27 3.04 10.16 6.70
N GLY A 28 2.51 9.42 5.73
CA GLY A 28 1.28 8.71 5.91
C GLY A 28 1.50 7.24 5.84
N GLY A 29 0.41 6.51 5.97
CA GLY A 29 0.45 5.06 5.94
C GLY A 29 -0.99 4.59 5.66
N THR A 30 -1.12 3.34 5.39
CA THR A 30 -2.42 2.69 5.12
C THR A 30 -2.56 1.57 6.15
N ILE A 31 -3.67 1.58 6.88
CA ILE A 31 -4.04 0.53 7.84
C ILE A 31 -4.41 -0.75 7.10
N LEU A 32 -3.65 -1.82 7.30
CA LEU A 32 -3.89 -3.09 6.64
C LEU A 32 -4.69 -4.09 7.53
N SER A 33 -4.50 -3.95 8.85
CA SER A 33 -5.20 -4.70 9.87
C SER A 33 -4.94 -4.04 11.23
N GLU A 34 -5.32 -4.72 12.33
CA GLU A 34 -5.22 -4.09 13.68
C GLU A 34 -3.81 -3.85 14.14
N PHE A 35 -2.90 -4.69 13.71
CA PHE A 35 -1.48 -4.57 13.94
C PHE A 35 -0.54 -3.94 12.83
N TYR A 36 -0.98 -3.90 11.58
CA TYR A 36 -0.11 -3.57 10.43
C TYR A 36 -0.48 -2.30 9.65
N ILE A 37 0.54 -1.46 9.49
CA ILE A 37 0.47 -0.23 8.73
C ILE A 37 1.39 -0.43 7.52
N LEU A 38 0.88 -0.12 6.32
CA LEU A 38 1.68 -0.10 5.09
C LEU A 38 2.25 1.32 4.87
N THR A 39 3.55 1.42 4.60
CA THR A 39 4.13 2.74 4.34
C THR A 39 5.28 2.66 3.30
N ALA A 40 5.98 3.79 3.09
CA ALA A 40 7.11 3.88 2.14
C ALA A 40 8.42 3.68 2.99
N ALA A 41 9.35 2.87 2.56
CA ALA A 41 10.75 2.83 3.12
C ALA A 41 11.38 4.21 3.30
N HIS A 42 11.17 5.14 2.38
CA HIS A 42 11.90 6.38 2.48
C HIS A 42 11.48 7.21 3.61
N CYS A 43 10.23 7.02 4.06
CA CYS A 43 9.72 7.74 5.24
C CYS A 43 10.51 7.43 6.56
N LEU A 44 11.10 6.25 6.59
CA LEU A 44 11.95 5.79 7.68
C LEU A 44 13.12 6.72 7.93
N TYR A 45 13.54 7.44 6.87
CA TYR A 45 14.70 8.32 6.91
C TYR A 45 14.32 9.72 7.22
N GLN A 46 13.05 9.99 7.46
CA GLN A 46 12.66 11.39 7.54
C GLN A 46 12.23 11.76 8.94
N ALA A 47 12.62 10.88 9.84
CA ALA A 47 12.41 11.14 11.26
C ALA A 47 13.42 10.39 12.13
N LYS A 48 13.83 11.06 13.21
CA LYS A 48 14.65 10.45 14.26
C LYS A 48 13.82 9.48 15.08
N ARG A 49 12.67 9.94 15.60
CA ARG A 49 11.66 9.05 16.23
C ARG A 49 10.21 9.28 15.76
N PHE A 50 9.42 8.21 15.67
CA PHE A 50 8.00 8.33 15.21
C PHE A 50 7.01 7.34 15.88
N LYS A 51 5.75 7.77 16.01
CA LYS A 51 4.60 6.88 16.26
C LYS A 51 3.56 6.99 15.09
N VAL A 52 2.50 6.17 15.17
CA VAL A 52 1.43 6.12 14.17
C VAL A 52 0.15 6.62 14.79
N ARG A 53 -0.45 7.69 14.26
CA ARG A 53 -1.78 8.10 14.66
C ARG A 53 -2.85 7.62 13.62
N VAL A 54 -3.98 7.11 14.12
CA VAL A 54 -5.14 6.74 13.35
C VAL A 54 -6.30 7.60 13.81
N GLY A 55 -7.24 7.80 12.91
CA GLY A 55 -8.45 8.55 13.18
C GLY A 55 -8.40 10.03 13.06
N ASP A 56 -7.21 10.64 12.93
CA ASP A 56 -7.17 12.11 12.79
C ASP A 56 -7.90 12.64 11.57
N ARG A 57 -8.79 13.61 11.69
CA ARG A 57 -9.22 14.39 10.54
C ARG A 57 -8.63 15.84 10.58
N ASN A 58 -9.05 16.64 11.55
CA ASN A 58 -8.32 17.87 11.90
C ASN A 58 -7.23 17.65 12.96
N THR A 59 -5.97 17.73 12.56
CA THR A 59 -4.83 17.54 13.50
C THR A 59 -4.66 18.71 14.55
N GLU A 60 -5.52 19.72 14.51
CA GLU A 60 -5.54 20.80 15.54
C GLU A 60 -6.67 20.69 16.57
N GLN A 61 -7.21 19.48 16.73
CA GLN A 61 -8.44 19.28 17.47
C GLN A 61 -8.83 17.81 17.61
N GLU A 62 -8.73 17.28 18.83
CA GLU A 62 -9.17 15.93 19.13
C GLU A 62 -10.69 15.84 19.10
N GLU A 63 -11.19 14.74 18.55
CA GLU A 63 -12.54 14.68 18.04
C GLU A 63 -13.19 13.34 18.39
N GLY A 64 -12.39 12.43 18.97
CA GLY A 64 -12.88 11.10 19.38
C GLY A 64 -12.51 10.06 18.33
N GLY A 65 -11.95 8.95 18.75
CA GLY A 65 -11.67 7.87 17.84
C GLY A 65 -10.19 7.81 17.57
N GLU A 66 -9.54 9.00 17.67
CA GLU A 66 -8.10 9.13 17.49
C GLU A 66 -7.33 8.33 18.52
N ALA A 67 -6.26 7.70 18.07
CA ALA A 67 -5.31 6.99 18.93
C ALA A 67 -3.91 7.09 18.34
N VAL A 68 -2.90 7.01 19.22
CA VAL A 68 -1.48 6.93 18.88
C VAL A 68 -1.01 5.54 19.20
N HIS A 69 -0.12 4.99 18.39
CA HIS A 69 0.31 3.64 18.59
C HIS A 69 1.81 3.66 18.41
N GLU A 70 2.49 2.91 19.25
CA GLU A 70 3.91 2.82 19.22
C GLU A 70 4.19 1.79 18.22
N VAL A 71 5.32 1.94 17.55
CA VAL A 71 5.74 0.96 16.57
C VAL A 71 6.66 0.02 17.27
N GLU A 72 6.40 -1.27 17.14
CA GLU A 72 7.19 -2.32 17.75
C GLU A 72 8.29 -2.84 16.81
N VAL A 73 7.91 -3.22 15.59
CA VAL A 73 8.90 -3.56 14.60
C VAL A 73 8.63 -2.84 13.24
N VAL A 74 9.72 -2.35 12.64
CA VAL A 74 9.77 -1.90 11.25
C VAL A 74 10.30 -3.02 10.34
N ILE A 75 9.45 -3.50 9.43
CA ILE A 75 9.88 -4.35 8.33
C ILE A 75 10.10 -3.43 7.07
N LYS A 76 11.36 -3.16 6.77
CA LYS A 76 11.78 -2.37 5.60
C LYS A 76 12.19 -3.29 4.48
N HIS A 77 11.80 -3.00 3.24
CA HIS A 77 12.31 -3.79 2.10
C HIS A 77 13.80 -3.43 1.95
N ASN A 78 14.68 -4.42 1.93
CA ASN A 78 16.11 -4.07 1.97
C ASN A 78 16.71 -3.79 0.60
N ARG A 79 15.95 -4.05 -0.48
CA ARG A 79 16.29 -3.55 -1.81
C ARG A 79 15.94 -2.07 -2.07
N PHE A 80 15.37 -1.36 -1.10
CA PHE A 80 15.09 0.06 -1.29
C PHE A 80 16.41 0.83 -1.53
N THR A 81 16.40 1.75 -2.53
CA THR A 81 17.52 2.70 -2.78
C THR A 81 17.00 4.10 -2.87
N LYS A 82 17.67 5.03 -2.21
CA LYS A 82 17.29 6.45 -2.29
C LYS A 82 17.70 7.09 -3.63
N GLU A 83 18.44 6.33 -4.42
CA GLU A 83 18.98 6.76 -5.69
C GLU A 83 17.88 6.68 -6.75
N THR A 84 17.17 5.53 -6.81
CA THR A 84 16.02 5.38 -7.74
C THR A 84 14.59 5.40 -7.14
N TYR A 85 14.54 5.32 -5.81
CA TYR A 85 13.33 5.06 -5.03
C TYR A 85 12.69 3.76 -5.46
N ASP A 86 13.45 2.84 -6.05
CA ASP A 86 12.87 1.49 -6.29
C ASP A 86 12.60 0.75 -4.97
N PHE A 87 11.67 -0.20 -4.96
CA PHE A 87 11.24 -0.93 -3.72
C PHE A 87 10.87 -0.05 -2.54
N ASP A 88 10.04 0.97 -2.79
CA ASP A 88 9.78 1.96 -1.76
C ASP A 88 8.61 1.41 -0.94
N ILE A 89 8.90 0.37 -0.14
CA ILE A 89 7.90 -0.26 0.69
C ILE A 89 8.43 -0.66 2.07
N ALA A 90 7.60 -0.40 3.09
CA ALA A 90 7.81 -0.93 4.44
C ALA A 90 6.44 -1.18 5.10
N VAL A 91 6.46 -2.05 6.12
CA VAL A 91 5.30 -2.45 6.92
C VAL A 91 5.66 -2.28 8.42
N LEU A 92 4.81 -1.61 9.17
CA LEU A 92 5.03 -1.37 10.58
C LEU A 92 4.09 -2.26 11.40
N ARG A 93 4.69 -2.99 12.36
CA ARG A 93 3.92 -3.65 13.41
C ARG A 93 3.78 -2.77 14.62
N LEU A 94 2.54 -2.56 15.00
CA LEU A 94 2.25 -1.78 16.16
C LEU A 94 2.43 -2.64 17.44
N LYS A 95 2.81 -1.99 18.54
CA LYS A 95 2.87 -2.61 19.88
C LYS A 95 1.48 -3.10 20.28
N THR A 96 0.49 -2.24 20.10
CA THR A 96 -0.86 -2.37 20.60
C THR A 96 -1.84 -2.35 19.39
N PRO A 97 -2.88 -3.21 19.41
CA PRO A 97 -3.74 -3.28 18.22
C PRO A 97 -4.68 -2.08 18.12
N ILE A 98 -4.96 -1.66 16.89
CA ILE A 98 -5.96 -0.61 16.59
C ILE A 98 -7.35 -1.05 16.94
N THR A 99 -8.12 -0.11 17.43
CA THR A 99 -9.52 -0.28 17.70
C THR A 99 -10.23 0.39 16.55
N PHE A 100 -10.88 -0.39 15.70
CA PHE A 100 -11.60 0.16 14.52
C PHE A 100 -12.81 0.89 14.97
N ARG A 101 -13.22 1.93 14.24
CA ARG A 101 -14.19 2.90 14.69
C ARG A 101 -14.62 3.56 13.45
N MET A 102 -15.50 4.54 13.61
CA MET A 102 -15.71 5.37 12.49
C MET A 102 -14.33 6.02 12.25
N ASN A 103 -13.95 6.16 10.99
CA ASN A 103 -12.67 6.81 10.66
C ASN A 103 -11.40 6.02 10.90
N VAL A 104 -11.59 4.80 11.40
CA VAL A 104 -10.47 3.84 11.62
C VAL A 104 -10.88 2.43 11.09
N ALA A 105 -10.26 1.94 9.99
CA ALA A 105 -10.67 0.69 9.34
C ALA A 105 -9.69 0.33 8.24
N PRO A 106 -9.47 -0.97 8.05
CA PRO A 106 -8.46 -1.36 7.11
C PRO A 106 -8.94 -1.23 5.65
N ALA A 107 -7.96 -1.04 4.76
CA ALA A 107 -8.18 -1.20 3.33
C ALA A 107 -7.91 -2.68 2.99
N CYS A 108 -8.58 -3.20 1.98
CA CYS A 108 -8.40 -4.62 1.63
C CYS A 108 -7.17 -4.81 0.79
N LEU A 109 -6.44 -5.90 0.99
CA LEU A 109 -5.37 -6.27 0.13
C LEU A 109 -6.00 -7.14 -0.96
N PRO A 110 -5.72 -6.81 -2.23
CA PRO A 110 -6.16 -7.62 -3.39
C PRO A 110 -5.35 -8.86 -3.69
N GLU A 111 -5.95 -9.76 -4.50
CA GLU A 111 -5.25 -11.01 -4.96
C GLU A 111 -4.44 -10.59 -6.17
N ARG A 112 -3.24 -11.15 -6.33
CA ARG A 112 -2.25 -10.49 -7.21
C ARG A 112 -2.63 -10.30 -8.67
N ASP A 113 -3.08 -11.40 -9.27
CA ASP A 113 -3.33 -11.49 -10.67
C ASP A 113 -4.60 -10.79 -11.05
N TRP A 114 -5.59 -11.03 -10.23
CA TRP A 114 -6.82 -10.30 -10.30
C TRP A 114 -6.58 -8.82 -10.19
N ALA A 115 -5.72 -8.40 -9.25
CA ALA A 115 -5.57 -6.90 -9.12
C ALA A 115 -4.88 -6.36 -10.39
N GLU A 116 -3.80 -7.00 -10.82
CA GLU A 116 -3.20 -6.68 -12.14
C GLU A 116 -4.26 -6.47 -13.22
N SER A 117 -5.11 -7.45 -13.52
CA SER A 117 -6.07 -7.27 -14.64
C SER A 117 -7.22 -6.44 -14.36
N THR A 118 -7.59 -6.24 -13.09
CA THR A 118 -8.87 -5.55 -12.86
C THR A 118 -8.90 -4.30 -11.96
N LEU A 119 -7.98 -4.21 -11.01
CA LEU A 119 -7.87 -2.92 -10.30
C LEU A 119 -6.98 -1.94 -11.11
N MET A 120 -5.80 -2.40 -11.51
CA MET A 120 -4.84 -1.52 -12.19
C MET A 120 -5.43 -0.94 -13.46
N THR A 121 -6.53 -1.52 -13.94
CA THR A 121 -7.13 -1.09 -15.21
C THR A 121 -8.39 -0.27 -15.07
N GLN A 122 -8.80 0.06 -13.83
CA GLN A 122 -9.88 1.01 -13.63
C GLN A 122 -9.40 2.35 -14.06
N LYS A 123 -10.29 3.31 -14.19
CA LYS A 123 -9.91 4.59 -14.59
C LYS A 123 -9.14 5.46 -13.54
N THR A 124 -9.55 5.39 -12.26
CA THR A 124 -9.08 6.26 -11.18
C THR A 124 -8.86 5.41 -9.90
N GLY A 125 -8.06 5.98 -9.00
CA GLY A 125 -7.79 5.48 -7.68
C GLY A 125 -7.91 6.77 -6.88
N ILE A 126 -7.66 6.70 -5.57
CA ILE A 126 -7.88 7.85 -4.62
C ILE A 126 -6.65 7.88 -3.77
N VAL A 127 -6.06 9.05 -3.65
CA VAL A 127 -4.87 9.23 -2.84
C VAL A 127 -5.36 10.19 -1.74
N SER A 128 -4.77 10.08 -0.57
CA SER A 128 -5.26 10.79 0.60
C SER A 128 -4.07 11.14 1.44
N GLY A 129 -4.17 12.29 2.13
CA GLY A 129 -3.11 12.56 3.08
C GLY A 129 -3.23 13.90 3.73
N PHE A 130 -2.31 14.14 4.65
CA PHE A 130 -2.26 15.43 5.41
C PHE A 130 -1.14 16.32 4.82
N GLY A 131 -0.58 15.98 3.64
CA GLY A 131 0.66 16.65 3.23
C GLY A 131 0.41 18.05 2.77
N ARG A 132 1.48 18.71 2.32
CA ARG A 132 1.32 20.11 1.85
C ARG A 132 0.24 20.27 0.84
N THR A 133 -0.47 21.42 0.93
CA THR A 133 -1.47 21.78 -0.06
C THR A 133 -0.92 22.63 -1.25
N HIS A 134 0.39 22.86 -1.26
CA HIS A 134 1.08 23.53 -2.36
C HIS A 134 2.50 23.08 -2.25
N GLU A 135 3.17 22.94 -3.39
CA GLU A 135 4.57 22.57 -3.38
C GLU A 135 5.38 23.31 -2.34
N LYS A 136 5.16 24.60 -2.15
CA LYS A 136 6.06 25.36 -1.26
C LYS A 136 5.40 25.76 0.05
N GLY A 137 4.17 25.27 0.20
CA GLY A 137 3.32 25.64 1.31
C GLY A 137 3.45 24.76 2.52
N ARG A 138 2.39 24.84 3.30
CA ARG A 138 2.33 24.18 4.58
C ARG A 138 1.50 22.89 4.47
N GLN A 139 1.88 21.91 5.28
CA GLN A 139 0.99 20.78 5.61
C GLN A 139 -0.47 21.20 5.84
N SER A 140 -1.39 20.31 5.47
CA SER A 140 -2.80 20.49 5.73
C SER A 140 -3.05 20.12 7.18
N THR A 141 -4.04 20.82 7.71
CA THR A 141 -4.53 20.61 9.05
C THR A 141 -5.73 19.62 9.00
N ARG A 142 -6.09 19.26 7.77
CA ARG A 142 -7.18 18.38 7.51
C ARG A 142 -6.76 17.31 6.50
N LEU A 143 -7.29 16.10 6.72
CA LEU A 143 -7.09 14.99 5.77
C LEU A 143 -7.78 15.40 4.50
N LYS A 144 -7.06 15.27 3.37
CA LYS A 144 -7.63 15.47 2.03
C LYS A 144 -7.51 14.21 1.18
N MET A 145 -8.30 14.19 0.15
CA MET A 145 -8.27 13.06 -0.75
C MET A 145 -8.39 13.64 -2.08
N LEU A 146 -7.94 12.89 -3.08
CA LEU A 146 -7.95 13.37 -4.43
C LEU A 146 -8.14 12.18 -5.28
N GLU A 147 -9.11 12.29 -6.17
CA GLU A 147 -9.25 11.28 -7.19
C GLU A 147 -8.24 11.50 -8.32
N VAL A 148 -7.48 10.44 -8.67
CA VAL A 148 -6.43 10.52 -9.68
C VAL A 148 -6.56 9.41 -10.74
N PRO A 149 -6.63 9.82 -12.04
CA PRO A 149 -6.56 8.86 -13.16
C PRO A 149 -5.32 8.00 -13.10
N TYR A 150 -5.43 6.72 -13.39
CA TYR A 150 -4.26 5.94 -13.64
C TYR A 150 -3.64 6.42 -14.98
N VAL A 151 -2.32 6.32 -15.07
CA VAL A 151 -1.68 6.91 -16.24
C VAL A 151 -0.91 5.78 -16.92
N ASP A 152 -1.09 5.62 -18.22
CA ASP A 152 -0.37 4.56 -18.87
C ASP A 152 1.12 4.67 -18.67
N ARG A 153 1.76 3.54 -18.59
CA ARG A 153 3.13 3.47 -18.23
C ARG A 153 4.11 4.12 -19.25
N ASN A 154 3.84 4.03 -20.57
CA ASN A 154 4.65 4.77 -21.60
C ASN A 154 4.48 6.29 -21.45
N SER A 155 3.27 6.76 -21.22
CA SER A 155 3.09 8.17 -20.80
C SER A 155 3.85 8.57 -19.52
N CYS A 156 3.89 7.66 -18.57
CA CYS A 156 4.55 7.90 -17.31
C CYS A 156 6.09 8.16 -17.60
N LYS A 157 6.73 7.13 -18.14
CA LYS A 157 8.14 7.17 -18.63
C LYS A 157 8.44 8.43 -19.44
N LEU A 158 7.59 8.70 -20.44
CA LEU A 158 7.82 9.86 -21.32
C LEU A 158 8.01 11.12 -20.52
N SER A 159 7.13 11.32 -19.53
CA SER A 159 7.03 12.55 -18.76
C SER A 159 8.12 12.63 -17.71
N SER A 160 8.78 11.54 -17.42
CA SER A 160 9.55 11.51 -16.24
C SER A 160 11.03 11.55 -16.59
N SER A 161 11.75 12.33 -15.78
CA SER A 161 13.18 12.45 -15.89
C SER A 161 13.83 11.27 -15.26
N PHE A 162 13.19 10.62 -14.29
CA PHE A 162 13.87 9.55 -13.55
C PHE A 162 13.28 8.25 -13.97
N ILE A 163 13.97 7.18 -13.67
CA ILE A 163 13.52 5.89 -14.09
C ILE A 163 12.19 5.53 -13.40
N ILE A 164 11.34 4.82 -14.16
CA ILE A 164 10.12 4.23 -13.67
C ILE A 164 10.26 2.75 -13.80
N THR A 165 10.54 2.09 -12.68
CA THR A 165 10.67 0.64 -12.67
C THR A 165 9.31 -0.10 -12.68
N GLN A 166 9.31 -1.40 -12.93
CA GLN A 166 8.08 -2.21 -12.81
C GLN A 166 7.42 -2.18 -11.41
N ASN A 167 8.12 -1.66 -10.40
CA ASN A 167 7.56 -1.57 -9.08
C ASN A 167 6.87 -0.26 -8.79
N MET A 168 6.60 0.51 -9.83
CA MET A 168 6.05 1.88 -9.67
C MET A 168 5.00 2.05 -10.71
N PHE A 169 4.12 3.05 -10.54
CA PHE A 169 3.14 3.38 -11.50
C PHE A 169 2.78 4.85 -11.27
N CYS A 170 2.15 5.53 -12.23
CA CYS A 170 1.96 7.03 -12.19
C CYS A 170 0.52 7.17 -12.15
N ALA A 171 0.01 8.21 -11.50
CA ALA A 171 -1.39 8.52 -11.57
C ALA A 171 -1.48 10.02 -11.48
N GLY A 172 -2.47 10.62 -12.10
CA GLY A 172 -2.66 12.07 -11.87
C GLY A 172 -3.16 12.65 -13.18
N TYR A 173 -3.02 13.96 -13.33
CA TYR A 173 -3.57 14.69 -14.44
C TYR A 173 -2.43 15.39 -15.21
N ASP A 174 -2.69 15.70 -16.47
CA ASP A 174 -1.64 16.39 -17.21
C ASP A 174 -1.66 17.89 -17.10
N THR A 175 -2.80 18.49 -17.42
CA THR A 175 -2.91 19.93 -17.20
C THR A 175 -3.43 20.32 -15.81
N LYS A 176 -4.38 19.56 -15.25
CA LYS A 176 -4.96 19.89 -13.93
C LYS A 176 -3.81 19.87 -12.92
N GLN A 177 -3.73 20.90 -12.07
CA GLN A 177 -2.64 21.02 -11.13
C GLN A 177 -3.01 20.52 -9.72
N GLU A 178 -3.23 19.19 -9.62
CA GLU A 178 -3.69 18.52 -8.36
C GLU A 178 -2.92 17.21 -8.29
N ASP A 179 -2.31 16.93 -7.13
CA ASP A 179 -1.59 15.70 -6.97
C ASP A 179 -1.18 15.57 -5.50
N ALA A 180 -0.46 14.51 -5.16
CA ALA A 180 0.06 14.35 -3.83
C ALA A 180 1.18 15.35 -3.62
N CYS A 181 1.63 15.49 -2.38
CA CYS A 181 2.75 16.36 -2.16
C CYS A 181 3.50 15.90 -0.91
N GLN A 182 4.44 16.75 -0.48
CA GLN A 182 5.36 16.37 0.64
C GLN A 182 4.51 16.31 1.90
N GLY A 183 4.78 15.29 2.71
CA GLY A 183 3.91 14.92 3.87
C GLY A 183 2.82 13.82 3.57
N ASP A 184 2.58 13.55 2.26
CA ASP A 184 1.61 12.52 1.78
C ASP A 184 2.31 11.24 1.55
N SER A 185 3.66 11.25 1.49
CA SER A 185 4.42 10.03 1.17
C SER A 185 4.15 8.94 2.18
N GLY A 186 4.28 7.68 1.78
CA GLY A 186 3.85 6.49 2.55
C GLY A 186 2.32 6.24 2.60
N GLY A 187 1.51 7.22 2.23
CA GLY A 187 0.10 7.18 2.46
C GLY A 187 -0.63 6.33 1.42
N PRO A 188 -1.98 6.28 1.50
CA PRO A 188 -2.66 5.30 0.64
C PRO A 188 -2.99 5.81 -0.75
N HIS A 189 -2.85 4.92 -1.71
CA HIS A 189 -3.61 5.03 -2.99
C HIS A 189 -4.54 3.81 -3.03
N VAL A 190 -5.85 4.03 -3.09
CA VAL A 190 -6.74 2.88 -3.09
C VAL A 190 -7.63 2.91 -4.35
N THR A 191 -8.14 1.76 -4.72
CA THR A 191 -8.99 1.69 -5.95
C THR A 191 -10.34 1.02 -5.57
N ARG A 192 -11.42 1.66 -5.94
CA ARG A 192 -12.70 1.17 -5.66
C ARG A 192 -13.08 0.09 -6.69
N PHE A 193 -13.50 -1.06 -6.17
CA PHE A 193 -14.15 -2.07 -6.98
C PHE A 193 -15.49 -2.50 -6.36
N LYS A 194 -16.57 -2.12 -7.01
CA LYS A 194 -17.92 -2.47 -6.55
C LYS A 194 -18.05 -2.13 -5.07
N ASP A 195 -17.96 -0.83 -4.81
CA ASP A 195 -17.85 -0.22 -3.48
C ASP A 195 -17.04 -0.85 -2.35
N THR A 196 -16.05 -1.66 -2.69
CA THR A 196 -14.98 -2.03 -1.78
C THR A 196 -13.64 -1.38 -2.25
N TYR A 197 -12.91 -0.85 -1.29
CA TYR A 197 -11.64 -0.18 -1.57
C TYR A 197 -10.47 -1.06 -1.29
N PHE A 198 -9.62 -1.30 -2.32
CA PHE A 198 -8.38 -2.13 -2.12
C PHE A 198 -7.17 -1.21 -2.23
N VAL A 199 -6.07 -1.50 -1.56
CA VAL A 199 -4.96 -0.56 -1.60
C VAL A 199 -4.22 -1.04 -2.85
N THR A 200 -3.89 -0.12 -3.76
CA THR A 200 -3.22 -0.42 -5.00
C THR A 200 -1.86 0.36 -5.05
N GLY A 201 -1.66 1.34 -4.18
CA GLY A 201 -0.46 2.14 -4.30
C GLY A 201 0.05 2.71 -2.98
N ILE A 202 1.38 2.94 -2.90
CA ILE A 202 1.96 3.76 -1.79
C ILE A 202 2.48 5.06 -2.36
N VAL A 203 2.03 6.21 -1.85
CA VAL A 203 2.59 7.50 -2.17
C VAL A 203 4.15 7.49 -2.00
N SER A 204 4.84 7.73 -3.13
CA SER A 204 6.29 7.56 -3.26
C SER A 204 7.06 8.84 -3.59
N TRP A 205 6.98 9.30 -4.85
CA TRP A 205 7.65 10.53 -5.20
C TRP A 205 6.99 11.22 -6.38
N GLY A 206 7.37 12.49 -6.53
CA GLY A 206 7.02 13.31 -7.72
C GLY A 206 8.13 14.33 -7.98
N GLU A 207 8.23 14.80 -9.23
CA GLU A 207 9.11 15.93 -9.60
C GLU A 207 8.34 17.23 -9.33
N GLY A 208 8.45 17.76 -8.10
CA GLY A 208 7.55 18.78 -7.62
C GLY A 208 6.16 18.24 -7.26
N CYS A 209 5.22 19.13 -7.03
CA CYS A 209 3.94 18.70 -6.63
C CYS A 209 2.93 19.28 -7.55
N ALA A 210 2.23 18.43 -8.30
CA ALA A 210 1.19 18.93 -9.17
C ALA A 210 1.79 19.83 -10.29
N ARG A 211 3.05 19.60 -10.69
CA ARG A 211 3.59 20.37 -11.85
C ARG A 211 2.90 19.97 -13.17
N LYS A 212 2.72 20.92 -14.09
CA LYS A 212 2.02 20.59 -15.32
C LYS A 212 2.89 19.59 -16.06
N GLY A 213 2.30 18.56 -16.66
CA GLY A 213 3.11 17.54 -17.35
C GLY A 213 3.78 16.48 -16.49
N LYS A 214 3.58 16.52 -15.17
CA LYS A 214 4.17 15.55 -14.24
C LYS A 214 3.06 14.84 -13.44
N TYR A 215 3.33 13.61 -13.01
CA TYR A 215 2.35 12.74 -12.32
C TYR A 215 3.03 12.22 -11.01
N GLY A 216 2.23 11.90 -10.01
CA GLY A 216 2.74 11.30 -8.80
C GLY A 216 3.07 9.92 -9.11
N ILE A 217 4.15 9.47 -8.50
CA ILE A 217 4.60 8.14 -8.63
C ILE A 217 4.31 7.40 -7.29
N TYR A 218 3.92 6.13 -7.42
CA TYR A 218 3.49 5.29 -6.32
C TYR A 218 4.18 3.99 -6.46
N THR A 219 4.48 3.35 -5.35
CA THR A 219 4.92 1.96 -5.33
C THR A 219 3.68 1.16 -5.65
N LYS A 220 3.91 0.19 -6.52
CA LYS A 220 2.92 -0.71 -7.05
C LYS A 220 2.75 -1.90 -6.13
N VAL A 221 1.76 -1.78 -5.27
CA VAL A 221 1.43 -2.77 -4.25
C VAL A 221 1.22 -4.17 -4.84
N THR A 222 0.60 -4.28 -5.99
CA THR A 222 0.39 -5.59 -6.57
C THR A 222 1.74 -6.29 -6.88
N ALA A 223 2.86 -5.55 -6.89
CA ALA A 223 4.16 -6.16 -7.15
C ALA A 223 4.71 -6.82 -5.92
N PHE A 224 4.18 -6.43 -4.76
CA PHE A 224 4.72 -6.81 -3.47
C PHE A 224 3.74 -7.59 -2.52
N LEU A 225 2.70 -8.18 -3.08
CA LEU A 225 1.65 -8.86 -2.29
C LEU A 225 2.21 -10.08 -1.44
N LYS A 226 3.17 -10.84 -1.99
CA LYS A 226 3.76 -11.97 -1.24
C LYS A 226 4.61 -11.44 -0.16
N TRP A 227 5.42 -10.43 -0.45
CA TRP A 227 6.27 -9.81 0.54
C TRP A 227 5.39 -9.17 1.63
N ILE A 228 4.25 -8.61 1.23
CA ILE A 228 3.35 -7.99 2.24
C ILE A 228 2.74 -9.05 3.21
N ASP A 229 2.17 -10.10 2.66
CA ASP A 229 1.71 -11.23 3.44
C ASP A 229 2.76 -11.71 4.48
N ARG A 230 3.97 -11.93 4.00
CA ARG A 230 5.03 -12.53 4.83
C ARG A 230 5.37 -11.56 5.94
N SER A 231 5.35 -10.26 5.61
CA SER A 231 5.64 -9.24 6.58
C SER A 231 4.55 -9.20 7.69
N MET A 232 3.35 -9.69 7.39
CA MET A 232 2.24 -9.65 8.36
C MET A 232 2.14 -10.97 9.20
N LYS A 233 3.28 -11.66 9.36
CA LYS A 233 3.38 -12.92 10.15
C LYS A 233 4.48 -12.85 11.21
N CYS B 44 -14.38 -14.11 -16.77
CA CYS B 44 -13.84 -13.09 -15.76
C CYS B 44 -13.59 -11.74 -16.41
N SER B 45 -13.24 -11.76 -17.71
CA SER B 45 -12.92 -10.50 -18.43
C SER B 45 -14.16 -9.93 -18.87
N LEU B 46 -15.25 -10.61 -18.56
CA LEU B 46 -16.53 -10.05 -18.96
C LEU B 46 -17.26 -9.30 -17.83
N ASP B 47 -17.97 -9.88 -16.92
CA ASP B 47 -18.34 -8.82 -15.94
C ASP B 47 -17.82 -9.10 -14.56
N ASN B 48 -16.50 -9.14 -14.48
CA ASN B 48 -15.81 -9.73 -13.36
C ASN B 48 -16.45 -11.13 -13.07
N GLY B 49 -17.24 -11.52 -14.06
CA GLY B 49 -17.93 -12.81 -14.04
C GLY B 49 -18.99 -12.76 -12.95
N ASP B 50 -19.70 -11.63 -12.90
CA ASP B 50 -20.55 -11.20 -11.80
C ASP B 50 -20.01 -11.52 -10.38
N CYS B 51 -18.70 -11.68 -10.20
CA CYS B 51 -18.10 -11.76 -8.81
C CYS B 51 -18.09 -10.40 -8.20
N ASP B 52 -18.12 -10.39 -6.86
CA ASP B 52 -18.28 -9.14 -6.09
C ASP B 52 -16.85 -8.62 -5.91
N GLN B 53 -15.94 -9.53 -5.55
CA GLN B 53 -14.54 -9.31 -5.39
C GLN B 53 -13.72 -10.07 -6.44
N PHE B 54 -12.91 -11.02 -6.00
CA PHE B 54 -12.00 -11.75 -6.84
C PHE B 54 -12.71 -12.77 -7.74
N CYS B 55 -12.19 -12.90 -8.97
CA CYS B 55 -12.64 -13.83 -9.98
C CYS B 55 -11.38 -14.45 -10.48
N HIS B 56 -11.41 -15.79 -10.50
CA HIS B 56 -10.50 -16.67 -11.22
C HIS B 56 -11.26 -17.75 -12.01
N GLU B 57 -10.56 -18.40 -12.94
CA GLU B 57 -11.15 -19.41 -13.81
C GLU B 57 -10.49 -20.72 -13.49
N GLU B 58 -11.32 -21.72 -13.14
CA GLU B 58 -10.98 -23.16 -13.32
C GLU B 58 -11.68 -23.67 -14.57
N GLN B 59 -11.04 -24.63 -15.26
CA GLN B 59 -11.61 -25.35 -16.41
C GLN B 59 -13.02 -24.85 -16.76
N ASN B 60 -13.12 -23.80 -17.59
CA ASN B 60 -14.43 -23.26 -18.02
C ASN B 60 -15.39 -22.73 -16.90
N SER B 61 -15.13 -23.06 -15.62
CA SER B 61 -15.94 -22.56 -14.48
C SER B 61 -15.35 -21.24 -13.93
N VAL B 62 -16.08 -20.12 -14.07
CA VAL B 62 -15.78 -18.89 -13.28
C VAL B 62 -15.92 -19.19 -11.78
N VAL B 63 -15.02 -18.64 -10.98
CA VAL B 63 -14.91 -19.05 -9.58
C VAL B 63 -14.55 -17.85 -8.69
N CYS B 64 -15.60 -17.32 -8.03
CA CYS B 64 -15.55 -16.08 -7.30
C CYS B 64 -14.90 -16.29 -5.97
N SER B 65 -14.40 -15.23 -5.34
CA SER B 65 -13.78 -15.33 -3.98
C SER B 65 -13.60 -13.95 -3.36
N CYS B 66 -13.04 -13.88 -2.14
CA CYS B 66 -13.27 -12.70 -1.29
C CYS B 66 -12.10 -12.35 -0.42
N ALA B 67 -12.02 -11.09 0.03
CA ALA B 67 -10.93 -10.72 1.00
C ALA B 67 -11.19 -11.34 2.36
N ARG B 68 -10.15 -11.38 3.18
CA ARG B 68 -10.26 -11.75 4.59
C ARG B 68 -11.37 -10.93 5.25
N GLY B 69 -12.28 -11.59 5.98
CA GLY B 69 -13.29 -10.90 6.79
C GLY B 69 -14.56 -10.86 6.04
N TYR B 70 -14.54 -11.56 4.91
CA TYR B 70 -15.72 -11.67 4.14
C TYR B 70 -15.87 -13.14 3.89
N THR B 71 -17.09 -13.55 3.67
CA THR B 71 -17.33 -14.94 3.40
C THR B 71 -18.12 -15.01 2.07
N LEU B 72 -17.79 -15.97 1.21
CA LEU B 72 -18.55 -16.13 -0.04
C LEU B 72 -20.04 -16.40 0.16
N ALA B 73 -20.94 -15.71 -0.53
CA ALA B 73 -22.33 -15.93 -0.33
C ALA B 73 -22.72 -17.37 -0.87
N ASP B 74 -23.96 -17.79 -0.67
CA ASP B 74 -24.37 -19.14 -1.15
C ASP B 74 -24.38 -19.18 -2.71
N ASN B 75 -25.03 -18.17 -3.32
CA ASN B 75 -24.90 -17.80 -4.73
C ASN B 75 -23.52 -17.87 -5.36
N GLY B 76 -22.46 -18.09 -4.58
CA GLY B 76 -21.06 -18.23 -5.04
C GLY B 76 -20.49 -16.96 -5.74
N LYS B 77 -21.20 -15.84 -5.67
CA LYS B 77 -20.81 -14.55 -6.23
C LYS B 77 -20.54 -13.39 -5.20
N ALA B 78 -21.51 -13.10 -4.34
CA ALA B 78 -21.45 -12.04 -3.38
C ALA B 78 -20.50 -12.24 -2.19
N CYS B 79 -20.06 -11.15 -1.56
CA CYS B 79 -19.06 -11.34 -0.45
C CYS B 79 -19.69 -10.71 0.77
N ILE B 80 -19.86 -11.48 1.86
CA ILE B 80 -20.68 -11.02 3.01
C ILE B 80 -19.66 -10.81 4.10
N PRO B 81 -19.63 -9.64 4.70
CA PRO B 81 -18.75 -9.31 5.85
C PRO B 81 -19.07 -10.23 7.00
N THR B 82 -18.08 -10.78 7.68
CA THR B 82 -18.24 -11.56 8.87
C THR B 82 -18.14 -10.75 10.20
N GLY B 83 -18.03 -9.43 10.14
CA GLY B 83 -17.66 -8.66 11.35
C GLY B 83 -18.05 -7.21 11.20
N PRO B 84 -17.92 -6.40 12.28
CA PRO B 84 -18.22 -4.97 12.25
C PRO B 84 -17.30 -4.08 11.37
N TYR B 85 -16.10 -4.43 11.09
CA TYR B 85 -15.36 -3.36 10.32
C TYR B 85 -14.61 -4.04 9.18
N PRO B 86 -15.37 -4.54 8.20
CA PRO B 86 -14.82 -5.30 7.13
C PRO B 86 -13.87 -4.35 6.30
N CYS B 87 -12.70 -4.84 5.91
CA CYS B 87 -11.79 -4.04 5.07
C CYS B 87 -12.46 -3.40 3.84
N GLY B 88 -11.97 -2.22 3.43
CA GLY B 88 -12.43 -1.61 2.15
C GLY B 88 -13.77 -0.95 2.21
N LYS B 89 -14.39 -0.94 3.39
CA LYS B 89 -15.70 -0.23 3.44
C LYS B 89 -15.55 1.03 4.21
N GLN B 90 -16.09 2.09 3.68
CA GLN B 90 -16.12 3.32 4.39
C GLN B 90 -17.20 3.17 5.51
N THR B 91 -17.00 3.85 6.64
CA THR B 91 -17.65 3.54 7.93
C THR B 91 -18.96 4.29 8.18
N CYS C 6 21.16 -34.10 4.73
CA CYS C 6 20.36 -33.02 4.06
C CYS C 6 19.92 -31.96 5.09
N GLY C 7 18.85 -31.24 4.77
CA GLY C 7 18.37 -30.18 5.64
C GLY C 7 16.87 -30.03 5.62
N GLU C 8 16.39 -29.06 6.41
CA GLU C 8 14.97 -28.73 6.46
C GLU C 8 14.41 -28.63 5.04
N ASN C 9 13.20 -29.14 4.81
CA ASN C 9 12.54 -29.02 3.51
C ASN C 9 13.35 -29.56 2.32
N GLU C 10 14.48 -30.21 2.62
CA GLU C 10 15.31 -30.86 1.61
C GLU C 10 15.06 -32.37 1.53
N LYS C 11 15.12 -32.89 0.31
CA LYS C 11 15.08 -34.34 0.00
C LYS C 11 16.28 -34.72 -0.91
N TYR C 12 16.79 -35.93 -0.75
CA TYR C 12 17.83 -36.46 -1.65
C TYR C 12 17.29 -36.53 -3.07
N ASP C 13 18.11 -36.22 -4.05
CA ASP C 13 17.67 -36.47 -5.41
C ASP C 13 18.20 -37.78 -5.96
N ASP C 21 17.76 -26.55 -8.11
CA ASP C 21 16.56 -27.16 -8.67
C ASP C 21 15.41 -26.16 -8.75
N LYS C 22 15.59 -24.99 -8.12
CA LYS C 22 14.58 -23.93 -8.18
C LYS C 22 14.90 -22.83 -7.18
N LYS C 23 15.39 -21.70 -7.69
CA LYS C 23 15.77 -20.58 -6.81
C LYS C 23 14.54 -19.74 -6.39
N CYS C 24 14.73 -18.89 -5.38
CA CYS C 24 13.66 -18.03 -4.85
C CYS C 24 13.31 -16.94 -5.83
N LYS C 25 12.06 -16.89 -6.29
CA LYS C 25 11.55 -15.76 -7.10
C LYS C 25 11.04 -14.63 -6.19
N TYR C 26 11.77 -13.54 -6.13
CA TYR C 26 11.42 -12.43 -5.23
C TYR C 26 10.44 -11.44 -5.86
N ASP C 27 9.58 -10.85 -5.03
CA ASP C 27 8.62 -9.81 -5.45
C ASP C 27 9.37 -8.58 -5.93
N GLY C 28 9.04 -8.10 -7.12
CA GLY C 28 9.64 -6.84 -7.59
C GLY C 28 11.06 -6.94 -8.18
N VAL C 29 11.47 -8.18 -8.47
CA VAL C 29 12.80 -8.54 -8.98
C VAL C 29 12.57 -9.31 -10.29
N GLU C 30 13.15 -8.80 -11.38
CA GLU C 30 13.07 -9.42 -12.72
C GLU C 30 11.65 -9.53 -13.25
N CYS C 50 20.92 -33.91 -2.08
CA CYS C 50 20.11 -33.01 -1.26
C CYS C 50 19.45 -31.93 -2.13
N VAL C 51 18.15 -32.06 -2.36
CA VAL C 51 17.43 -31.16 -3.24
C VAL C 51 16.20 -30.55 -2.52
N CYS C 52 15.68 -29.43 -3.00
CA CYS C 52 14.48 -28.88 -2.38
C CYS C 52 13.29 -29.79 -2.60
N GLU C 53 12.40 -29.82 -1.62
CA GLU C 53 11.27 -30.71 -1.68
C GLU C 53 10.21 -30.18 -2.62
N GLU C 54 9.52 -31.12 -3.24
CA GLU C 54 8.27 -30.85 -3.90
C GLU C 54 7.83 -29.42 -3.59
N GLY C 55 8.02 -29.01 -2.33
CA GLY C 55 7.48 -27.76 -1.85
C GLY C 55 8.18 -26.49 -2.29
N PHE C 56 9.46 -26.37 -1.93
CA PHE C 56 10.07 -25.06 -1.69
C PHE C 56 11.02 -24.51 -2.77
N TYR C 57 11.94 -23.63 -2.34
CA TYR C 57 12.79 -22.82 -3.21
C TYR C 57 14.05 -22.43 -2.43
N ARG C 58 15.13 -22.12 -3.15
CA ARG C 58 16.40 -21.80 -2.50
C ARG C 58 16.58 -20.32 -2.26
N ASN C 59 16.70 -19.95 -0.98
CA ASN C 59 16.95 -18.57 -0.58
C ASN C 59 18.43 -18.22 -0.76
N LYS C 60 18.82 -17.02 -0.32
CA LYS C 60 20.21 -16.56 -0.42
C LYS C 60 21.19 -17.42 0.41
N ASP C 61 20.95 -18.73 0.42
CA ASP C 61 21.68 -19.66 1.28
C ASP C 61 21.16 -21.10 1.10
N ASP C 62 20.90 -21.52 -0.14
CA ASP C 62 19.99 -22.66 -0.38
C ASP C 62 19.65 -23.41 0.89
N LYS C 63 18.87 -22.75 1.72
CA LYS C 63 18.03 -23.40 2.69
C LYS C 63 16.75 -23.48 1.90
N CYS C 64 16.06 -24.61 1.94
CA CYS C 64 14.79 -24.69 1.25
C CYS C 64 13.71 -24.12 2.14
N VAL C 65 12.86 -23.28 1.55
CA VAL C 65 11.86 -22.52 2.30
C VAL C 65 10.76 -22.06 1.35
N SER C 66 9.56 -21.80 1.86
CA SER C 66 8.36 -21.48 1.03
C SER C 66 8.46 -20.20 0.15
N ALA C 67 7.65 -20.11 -0.91
CA ALA C 67 7.61 -18.90 -1.76
C ALA C 67 7.54 -17.63 -0.93
N GLU C 68 6.64 -17.64 0.05
CA GLU C 68 6.45 -16.54 0.98
C GLU C 68 7.69 -16.34 1.84
N ASP C 69 8.32 -17.44 2.23
CA ASP C 69 9.47 -17.34 3.11
C ASP C 69 10.75 -16.80 2.47
N CYS C 70 10.84 -16.96 1.16
CA CYS C 70 11.86 -16.31 0.34
C CYS C 70 11.97 -14.86 0.75
N GLU C 71 10.80 -14.18 0.78
CA GLU C 71 10.69 -12.71 0.92
C GLU C 71 11.37 -12.25 2.15
N LEU C 72 11.58 -13.20 3.06
CA LEU C 72 12.42 -12.97 4.25
C LEU C 72 13.81 -12.46 3.89
N ASP C 73 14.34 -12.90 2.76
CA ASP C 73 15.63 -12.37 2.29
C ASP C 73 15.60 -10.86 1.97
N ASN C 74 14.41 -10.28 1.87
CA ASN C 74 14.27 -8.92 1.38
C ASN C 74 13.75 -7.97 2.41
N MET C 75 13.93 -8.34 3.69
CA MET C 75 13.53 -7.52 4.84
C MET C 75 14.66 -7.19 5.83
N ASP C 76 14.83 -5.90 6.10
CA ASP C 76 15.49 -5.46 7.32
C ASP C 76 14.42 -5.34 8.41
N PHE C 77 14.70 -5.94 9.57
CA PHE C 77 13.88 -5.74 10.77
C PHE C 77 14.52 -4.69 11.66
N ILE C 78 13.72 -3.76 12.17
CA ILE C 78 14.21 -2.54 12.81
C ILE C 78 13.31 -2.18 14.00
N TYR C 79 13.89 -1.70 15.09
CA TYR C 79 13.08 -1.49 16.32
C TYR C 79 12.61 -0.04 16.63
N PRO C 80 13.15 0.65 17.66
CA PRO C 80 12.81 2.06 17.96
C PRO C 80 13.96 3.10 18.04
N GLY C 81 14.45 3.72 16.95
CA GLY C 81 13.81 3.86 15.61
C GLY C 81 13.85 5.38 15.37
N THR C 82 14.54 5.90 14.35
CA THR C 82 14.77 5.21 13.07
C THR C 82 15.97 5.70 12.21
N ARG C 83 16.06 7.00 11.99
CA ARG C 83 16.54 7.58 10.74
C ARG C 83 17.64 6.88 9.95
N DTY D 1 8.94 11.84 -1.23
CA DTY D 1 8.46 13.01 -1.97
C DTY D 1 9.22 13.73 -3.10
O DTY D 1 9.47 13.07 -4.11
CB DTY D 1 7.28 13.80 -1.43
CG DTY D 1 6.23 13.56 -2.52
CD1 DTY D 1 5.64 12.28 -2.69
CD2 DTY D 1 5.95 14.53 -3.45
CE1 DTY D 1 4.76 12.02 -3.70
CE2 DTY D 1 5.02 14.28 -4.50
CZ DTY D 1 4.46 13.01 -4.62
OH DTY D 1 3.59 12.72 -5.69
N ILE D 2 9.45 15.03 -2.96
CA ILE D 2 9.93 15.86 -4.07
C ILE D 2 11.29 15.44 -4.54
N ARG D 3 11.36 14.95 -5.77
CA ARG D 3 12.60 14.52 -6.39
C ARG D 3 12.76 15.35 -7.66
N LEU D 4 13.72 16.28 -7.65
CA LEU D 4 13.96 17.19 -8.80
C LEU D 4 15.30 16.93 -9.44
O LPD D 5 16.84 18.99 -11.14
C LPD D 5 17.38 17.87 -11.26
N2 LPD D 5 18.65 17.68 -11.08
CA LPD D 5 16.53 16.62 -11.53
N LPD D 5 15.29 16.78 -10.78
CD LPD D 5 14.23 17.20 -11.68
CG LPD D 5 14.76 17.07 -13.10
CB LPD D 5 16.14 16.45 -12.99
P PO4 E . -5.88 16.69 -17.49
O1 PO4 E . -5.00 17.37 -18.48
O2 PO4 E . -6.03 17.59 -16.33
O3 PO4 E . -5.14 15.39 -17.22
O4 PO4 E . -7.26 16.28 -17.89
P PO4 F . -17.56 5.10 16.63
O1 PO4 F . -18.07 4.85 18.02
O2 PO4 F . -18.70 4.98 15.69
O3 PO4 F . -16.52 4.04 16.40
O4 PO4 F . -16.96 6.48 16.57
P PO4 G . -13.34 8.49 22.27
O1 PO4 G . -13.41 6.98 22.42
O2 PO4 G . -14.63 8.97 21.65
O3 PO4 G . -12.10 8.82 21.44
O4 PO4 G . -13.18 9.12 23.63
P PO4 H . -13.80 20.73 0.71
O1 PO4 H . -12.47 20.09 0.90
O2 PO4 H . -14.93 19.73 0.82
O3 PO4 H . -13.93 21.37 -0.65
O4 PO4 H . -13.89 21.76 1.84
P PO4 I . 1.32 -15.27 -6.56
O1 PO4 I . 1.39 -15.14 -5.04
O2 PO4 I . 0.62 -16.54 -6.96
O3 PO4 I . 2.73 -15.27 -7.09
O4 PO4 I . 0.52 -14.14 -7.11
P PO4 J . 3.98 24.26 -13.50
O1 PO4 J . 3.76 25.13 -12.28
O2 PO4 J . 3.70 25.09 -14.73
O3 PO4 J . 3.07 23.08 -13.42
O4 PO4 J . 5.39 23.71 -13.54
C ACT K . -6.34 24.02 0.44
O ACT K . -5.58 24.89 0.97
OXT ACT K . -6.24 22.84 0.87
CH3 ACT K . -7.29 24.38 -0.67
C ACT L . -16.96 0.74 -8.83
O ACT L . -16.10 1.58 -9.24
OXT ACT L . -17.66 1.08 -7.82
CH3 ACT L . -17.15 -0.58 -9.54
C ACT M . 9.76 -1.38 -18.22
O ACT M . 9.22 -1.62 -19.34
OXT ACT M . 9.31 -0.39 -17.59
CH3 ACT M . 10.86 -2.23 -17.62
NA NA N . -0.13 17.56 -12.62
#